data_4YNT
#
_entry.id   4YNT
#
_cell.length_a   49.907
_cell.length_b   64.359
_cell.length_c   76.166
_cell.angle_alpha   90.000
_cell.angle_beta   101.430
_cell.angle_gamma   90.000
#
_symmetry.space_group_name_H-M   'P 1 21 1'
#
loop_
_entity.id
_entity.type
_entity.pdbx_description
1 polymer 'Glucose oxidase, putative'
2 non-polymer 'DIHYDROFLAVINE-ADENINE DINUCLEOTIDE'
3 water water
#
_entity_poly.entity_id   1
_entity_poly.type   'polypeptide(L)'
_entity_poly.pdbx_seq_one_letter_code
;MNTTTYDYIVVGGGTSGLVVANRLSENPDVSVLLLEAGASVFNNPDVTNANGYGLAFGSAIDWQYQSINQSYAGGKQQVL
RAGKALGGTSTINGMAYTRAEDVQIDVWQKLGNEGWTWKDLLPYYLKSENLTAPTSSQVAAGAAYNPAVNGKEGPLKVGW
SGSLASGNLSVALNRTFQAAGVPWVEDVNGGKMRGFNIYPSTLDVDLNVREDAARAYYFPYDDRKNLHLLENTTANRLFW
KNGSAEEAIADGVEITSADGKVTRVHAKKEVIISAGALRSPLILELSGVGNPTILKKNNITPRVDLPTVGENLQDQFNNG
MAGEGYGVLAGASTVTYPSISDVFGNETDSIVASLRSQLSDYAAATVKVSNGHMKQEDLERLYQLQFDLIVKDKVPIAEI
LFHPGGGNAVSSEFWGLLPFARGNIHISSNDPTAPAAINPNYFMFEWDGKSQAGIAKYIRKILRSAPLNKLIAKETKPGL
SEIPATAADEKWVEWLKANYRSNFHPVGTAAMMPRSIGGVVDNRLRVYGTSNVRVVDASVLPFQVCGHLVSTLYAVAERA
SDLIKEDAKSA
;
_entity_poly.pdbx_strand_id   A
#
loop_
_chem_comp.id
_chem_comp.type
_chem_comp.name
_chem_comp.formula
FDA non-polymer 'DIHYDROFLAVINE-ADENINE DINUCLEOTIDE' 'C27 H35 N9 O15 P2'
#
# COMPACT_ATOMS: atom_id res chain seq x y z
N ASN A 2 3.49 -1.87 37.25
CA ASN A 2 4.46 -0.83 37.69
C ASN A 2 4.91 0.08 36.53
N THR A 3 6.22 0.31 36.41
CA THR A 3 6.72 1.50 35.73
C THR A 3 6.98 1.24 34.25
N THR A 4 6.93 -0.02 33.83
CA THR A 4 7.01 -0.37 32.42
C THR A 4 5.69 -0.99 31.95
N THR A 5 4.60 -0.72 32.67
CA THR A 5 3.29 -1.27 32.32
C THR A 5 2.34 -0.21 31.78
N TYR A 6 1.65 -0.56 30.69
CA TYR A 6 0.67 0.31 30.03
C TYR A 6 -0.55 -0.54 29.65
N ASP A 7 -1.66 0.08 29.27
CA ASP A 7 -2.84 -0.70 28.87
C ASP A 7 -2.67 -1.31 27.47
N TYR A 8 -2.23 -0.48 26.53
CA TYR A 8 -1.92 -0.92 25.18
C TYR A 8 -0.51 -0.53 24.81
N ILE A 9 0.13 -1.38 24.01
CA ILE A 9 1.37 -1.04 23.34
C ILE A 9 1.21 -1.14 21.84
N VAL A 10 1.47 -0.03 21.14
CA VAL A 10 1.43 -0.01 19.69
C VAL A 10 2.85 -0.01 19.12
N VAL A 11 3.18 -1.07 18.38
CA VAL A 11 4.50 -1.26 17.79
C VAL A 11 4.56 -0.68 16.38
N GLY A 12 5.33 0.38 16.23
CA GLY A 12 5.41 1.09 14.95
C GLY A 12 4.56 2.35 14.94
N GLY A 13 5.21 3.48 15.13
CA GLY A 13 4.50 4.77 15.07
C GLY A 13 4.39 5.29 13.66
N GLY A 14 3.77 4.51 12.78
CA GLY A 14 3.74 4.83 11.35
C GLY A 14 2.33 5.22 10.93
N THR A 15 2.04 5.00 9.65
CA THR A 15 0.78 5.43 9.03
C THR A 15 -0.42 4.88 9.83
N SER A 16 -0.42 3.57 10.08
CA SER A 16 -1.53 2.91 10.76
C SER A 16 -1.44 3.02 12.28
N GLY A 17 -0.23 2.83 12.81
CA GLY A 17 0.00 2.84 14.27
C GLY A 17 -0.41 4.12 15.00
N LEU A 18 -0.16 5.26 14.36
CA LEU A 18 -0.51 6.54 14.97
C LEU A 18 -2.02 6.75 15.03
N VAL A 19 -2.76 6.16 14.09
CA VAL A 19 -4.22 6.18 14.17
C VAL A 19 -4.68 5.45 15.43
N VAL A 20 -4.23 4.22 15.59
CA VAL A 20 -4.65 3.38 16.71
C VAL A 20 -4.28 4.02 18.05
N ALA A 21 -3.05 4.52 18.15
CA ALA A 21 -2.63 5.20 19.37
C ALA A 21 -3.51 6.42 19.70
N ASN A 22 -3.86 7.18 18.67
CA ASN A 22 -4.71 8.38 18.81
C ASN A 22 -6.08 7.98 19.32
N ARG A 23 -6.69 7.00 18.67
CA ARG A 23 -8.07 6.66 19.00
C ARG A 23 -8.19 6.00 20.35
N LEU A 24 -7.25 5.11 20.67
CA LEU A 24 -7.29 4.42 21.94
C LEU A 24 -7.09 5.36 23.13
N SER A 25 -6.25 6.39 22.94
CA SER A 25 -5.99 7.40 23.98
C SER A 25 -7.08 8.46 24.09
N GLU A 26 -8.13 8.34 23.29
CA GLU A 26 -9.33 9.17 23.45
C GLU A 26 -10.02 8.88 24.79
N ASN A 27 -9.87 7.64 25.29
CA ASN A 27 -10.30 7.30 26.65
C ASN A 27 -9.26 7.75 27.67
N PRO A 28 -9.55 8.82 28.40
CA PRO A 28 -8.50 9.42 29.23
C PRO A 28 -8.01 8.51 30.37
N ASP A 29 -8.64 7.37 30.56
CA ASP A 29 -8.24 6.45 31.62
C ASP A 29 -7.52 5.22 31.08
N VAL A 30 -7.22 5.23 29.79
CA VAL A 30 -6.44 4.17 29.15
C VAL A 30 -5.05 4.70 28.84
N SER A 31 -4.01 3.94 29.17
CA SER A 31 -2.65 4.36 28.82
C SER A 31 -2.12 3.61 27.60
N VAL A 32 -1.49 4.39 26.71
CA VAL A 32 -1.04 3.87 25.43
C VAL A 32 0.43 4.21 25.24
N LEU A 33 1.24 3.18 24.99
CA LEU A 33 2.63 3.39 24.62
C LEU A 33 2.86 3.12 23.14
N LEU A 34 3.42 4.10 22.46
CA LEU A 34 3.90 3.96 21.09
C LEU A 34 5.38 3.63 21.12
N LEU A 35 5.78 2.68 20.26
CA LEU A 35 7.18 2.38 20.05
C LEU A 35 7.59 2.65 18.61
N GLU A 36 8.63 3.46 18.41
CA GLU A 36 9.06 3.83 17.07
C GLU A 36 10.57 3.76 16.95
N ALA A 37 11.02 3.02 15.94
CA ALA A 37 12.45 2.80 15.70
C ALA A 37 13.14 4.08 15.20
N GLY A 38 12.43 4.84 14.37
CA GLY A 38 12.89 6.16 13.94
C GLY A 38 12.55 7.24 14.96
N ALA A 39 12.62 8.50 14.52
CA ALA A 39 12.28 9.62 15.39
C ALA A 39 11.40 10.64 14.67
N SER A 40 10.95 11.64 15.43
CA SER A 40 10.27 12.81 14.85
C SER A 40 10.98 13.30 13.59
N VAL A 41 10.19 13.61 12.57
CA VAL A 41 10.68 14.32 11.38
C VAL A 41 9.96 15.66 11.19
N PHE A 42 9.38 16.14 12.28
CA PHE A 42 8.75 17.46 12.31
C PHE A 42 9.65 18.48 11.63
N ASN A 43 10.94 18.43 11.96
CA ASN A 43 11.87 19.42 11.46
C ASN A 43 12.84 18.87 10.40
N ASN A 44 12.50 17.74 9.76
CA ASN A 44 13.26 17.28 8.59
C ASN A 44 12.71 17.91 7.33
N PRO A 45 13.53 18.74 6.67
CA PRO A 45 13.03 19.53 5.56
C PRO A 45 12.64 18.68 4.37
N ASP A 46 13.28 17.53 4.21
CA ASP A 46 13.00 16.66 3.07
C ASP A 46 11.66 15.93 3.25
N VAL A 47 11.20 15.85 4.49
CA VAL A 47 9.85 15.38 4.80
C VAL A 47 8.84 16.51 4.64
N THR A 48 9.10 17.62 5.33
CA THR A 48 8.12 18.66 5.53
C THR A 48 7.75 19.33 4.21
N ASN A 49 8.72 19.41 3.30
CA ASN A 49 8.57 20.07 1.99
C ASN A 49 7.49 19.42 1.13
N ALA A 50 6.42 20.15 0.84
CA ALA A 50 5.33 19.61 0.04
C ALA A 50 5.81 19.21 -1.36
N ASN A 51 6.91 19.82 -1.80
CA ASN A 51 7.43 19.53 -3.13
C ASN A 51 8.69 18.68 -3.07
N GLY A 52 8.83 17.92 -1.99
CA GLY A 52 10.09 17.25 -1.69
C GLY A 52 10.10 15.77 -1.99
N TYR A 53 9.09 15.27 -2.72
CA TYR A 53 9.01 13.83 -2.99
C TYR A 53 10.31 13.33 -3.64
N GLY A 54 10.92 12.31 -3.06
CA GLY A 54 12.17 11.73 -3.59
C GLY A 54 13.44 12.16 -2.88
N LEU A 55 13.42 13.33 -2.27
CA LEU A 55 14.63 13.88 -1.68
C LEU A 55 15.18 12.97 -0.60
N ALA A 56 14.26 12.40 0.22
CA ALA A 56 14.65 11.58 1.36
C ALA A 56 15.14 10.17 1.00
N PHE A 57 14.94 9.72 -0.24
CA PHE A 57 15.35 8.38 -0.64
C PHE A 57 16.81 8.15 -0.29
N GLY A 58 17.12 7.01 0.30
CA GLY A 58 18.52 6.65 0.60
C GLY A 58 19.10 7.26 1.87
N SER A 59 18.33 8.09 2.55
CA SER A 59 18.81 8.75 3.77
C SER A 59 18.54 7.88 4.98
N ALA A 60 18.80 8.44 6.16
CA ALA A 60 18.64 7.72 7.42
C ALA A 60 17.18 7.44 7.78
N ILE A 61 16.26 8.13 7.12
CA ILE A 61 14.84 7.86 7.35
C ILE A 61 14.21 6.95 6.31
N ASP A 62 15.04 6.30 5.49
CA ASP A 62 14.60 5.33 4.50
C ASP A 62 15.20 3.96 4.87
N TRP A 63 14.35 3.01 5.24
CA TRP A 63 14.84 1.67 5.58
C TRP A 63 15.58 1.01 4.42
N GLN A 64 15.20 1.38 3.21
CA GLN A 64 15.90 0.91 2.00
C GLN A 64 16.10 -0.60 2.02
N TYR A 65 15.02 -1.35 2.23
CA TYR A 65 15.16 -2.80 2.33
C TYR A 65 15.55 -3.35 0.96
N GLN A 66 16.31 -4.43 0.96
CA GLN A 66 16.77 -5.04 -0.28
C GLN A 66 16.03 -6.37 -0.49
N SER A 67 15.53 -6.63 -1.70
CA SER A 67 14.95 -7.93 -2.03
C SER A 67 16.04 -8.94 -2.35
N ILE A 68 15.64 -10.20 -2.49
CA ILE A 68 16.50 -11.22 -3.07
C ILE A 68 16.49 -11.10 -4.60
N ASN A 69 17.36 -11.86 -5.25
CA ASN A 69 17.40 -11.86 -6.71
C ASN A 69 16.01 -12.22 -7.24
N GLN A 70 15.50 -11.41 -8.15
CA GLN A 70 14.17 -11.64 -8.69
C GLN A 70 14.21 -12.55 -9.94
N SER A 71 13.93 -13.83 -9.73
CA SER A 71 14.31 -14.83 -10.73
C SER A 71 13.35 -14.85 -11.90
N TYR A 72 12.21 -14.17 -11.77
CA TYR A 72 11.28 -14.10 -12.91
C TYR A 72 11.41 -12.78 -13.66
N ALA A 73 12.32 -11.92 -13.21
CA ALA A 73 12.40 -10.56 -13.75
C ALA A 73 13.77 -10.21 -14.29
N GLY A 74 14.63 -11.21 -14.45
CA GLY A 74 15.98 -11.00 -14.96
C GLY A 74 17.06 -10.97 -13.88
N GLY A 75 16.72 -11.36 -12.65
CA GLY A 75 17.71 -11.69 -11.62
C GLY A 75 18.09 -10.55 -10.67
N LYS A 76 17.82 -9.31 -11.08
CA LYS A 76 18.23 -8.16 -10.30
C LYS A 76 17.50 -8.07 -8.96
N GLN A 77 18.19 -7.63 -7.91
CA GLN A 77 17.57 -7.28 -6.62
C GLN A 77 16.92 -5.90 -6.71
N GLN A 78 15.86 -5.69 -5.94
CA GLN A 78 15.17 -4.41 -5.93
C GLN A 78 15.25 -3.79 -4.53
N VAL A 79 15.41 -2.47 -4.49
CA VAL A 79 15.25 -1.72 -3.27
C VAL A 79 13.77 -1.47 -2.97
N LEU A 80 13.37 -1.77 -1.74
CA LEU A 80 11.98 -1.59 -1.31
C LEU A 80 11.93 -0.54 -0.19
N ARG A 81 11.44 0.65 -0.51
CA ARG A 81 11.59 1.79 0.37
C ARG A 81 10.48 1.86 1.40
N ALA A 82 10.83 2.40 2.55
CA ALA A 82 9.90 2.47 3.67
C ALA A 82 10.39 3.54 4.60
N GLY A 83 9.48 4.22 5.28
CA GLY A 83 9.85 5.31 6.17
C GLY A 83 10.26 4.84 7.55
N LYS A 84 11.44 5.27 7.97
CA LYS A 84 11.93 5.10 9.33
C LYS A 84 11.87 6.43 10.07
N ALA A 85 10.76 6.67 10.76
CA ALA A 85 10.39 8.00 11.18
C ALA A 85 9.10 7.91 11.96
N LEU A 86 8.87 8.89 12.83
CA LEU A 86 7.53 9.10 13.37
C LEU A 86 6.61 9.57 12.25
N GLY A 87 5.62 8.73 11.93
CA GLY A 87 4.80 8.90 10.72
C GLY A 87 5.06 7.84 9.67
N GLY A 88 6.12 7.07 9.86
CA GLY A 88 6.43 5.99 8.95
C GLY A 88 6.53 6.41 7.49
N THR A 89 5.97 5.56 6.62
CA THR A 89 6.18 5.68 5.19
C THR A 89 5.34 6.82 4.60
N SER A 90 4.46 7.39 5.42
CA SER A 90 3.75 8.60 5.04
C SER A 90 4.67 9.82 5.02
N THR A 91 5.86 9.71 5.60
CA THR A 91 6.78 10.82 5.63
C THR A 91 7.58 10.92 4.33
N ILE A 92 7.69 9.83 3.59
CA ILE A 92 8.56 9.81 2.42
C ILE A 92 7.81 9.47 1.14
N ASN A 93 6.49 9.32 1.22
CA ASN A 93 5.73 8.89 0.05
C ASN A 93 5.34 10.03 -0.89
N GLY A 94 4.59 9.69 -1.94
CA GLY A 94 4.26 10.63 -3.02
C GLY A 94 3.05 11.50 -2.73
N MET A 95 2.43 11.29 -1.58
CA MET A 95 1.33 12.15 -1.08
C MET A 95 -0.02 12.00 -1.80
N ALA A 96 -0.13 11.06 -2.74
CA ALA A 96 -1.36 10.95 -3.52
C ALA A 96 -2.45 10.31 -2.66
N TYR A 97 -3.64 10.92 -2.66
CA TYR A 97 -4.80 10.39 -1.93
C TYR A 97 -5.88 9.82 -2.86
N THR A 98 -5.89 8.51 -3.01
CA THR A 98 -6.95 7.79 -3.72
C THR A 98 -7.20 6.45 -3.03
N ARG A 99 -8.42 5.94 -3.15
CA ARG A 99 -8.89 4.87 -2.27
C ARG A 99 -8.90 3.51 -2.99
N ALA A 100 -10.09 2.97 -3.24
CA ALA A 100 -10.26 1.59 -3.75
C ALA A 100 -11.61 1.43 -4.47
N GLU A 101 -11.76 0.36 -5.24
CA GLU A 101 -13.05 0.07 -5.89
C GLU A 101 -14.00 -0.58 -4.89
N ASP A 102 -15.26 -0.14 -4.87
CA ASP A 102 -16.18 -0.60 -3.83
C ASP A 102 -16.27 -2.12 -3.81
N VAL A 103 -16.38 -2.72 -4.99
CA VAL A 103 -16.58 -4.16 -5.09
C VAL A 103 -15.33 -4.92 -4.72
N GLN A 104 -14.18 -4.25 -4.72
CA GLN A 104 -12.96 -4.92 -4.30
C GLN A 104 -12.81 -4.98 -2.79
N ILE A 105 -13.41 -4.05 -2.06
CA ILE A 105 -13.49 -4.14 -0.62
C ILE A 105 -14.61 -5.12 -0.22
N ASP A 106 -15.68 -5.17 -1.03
CA ASP A 106 -16.77 -6.12 -0.73
C ASP A 106 -16.27 -7.56 -0.78
N VAL A 107 -15.29 -7.81 -1.66
CA VAL A 107 -14.71 -9.13 -1.77
C VAL A 107 -14.07 -9.62 -0.46
N TRP A 108 -13.64 -8.71 0.40
CA TRP A 108 -13.06 -9.09 1.68
C TRP A 108 -14.08 -9.85 2.53
N GLN A 109 -15.34 -9.41 2.50
CA GLN A 109 -16.38 -10.12 3.25
C GLN A 109 -16.79 -11.41 2.56
N LYS A 110 -16.82 -11.40 1.23
CA LYS A 110 -17.18 -12.60 0.46
C LYS A 110 -16.19 -13.72 0.75
N LEU A 111 -14.96 -13.34 1.02
CA LEU A 111 -13.90 -14.29 1.29
C LEU A 111 -14.04 -14.92 2.68
N GLY A 112 -14.72 -14.21 3.57
CA GLY A 112 -15.07 -14.75 4.88
C GLY A 112 -14.76 -13.81 6.03
N ASN A 113 -14.44 -12.56 5.72
CA ASN A 113 -14.12 -11.57 6.74
C ASN A 113 -15.34 -10.71 7.07
N GLU A 114 -16.08 -11.05 8.11
CA GLU A 114 -17.32 -10.36 8.40
C GLU A 114 -17.04 -8.90 8.73
N GLY A 115 -17.87 -8.01 8.17
CA GLY A 115 -17.83 -6.59 8.53
C GLY A 115 -16.94 -5.75 7.65
N TRP A 116 -16.28 -6.39 6.68
CA TRP A 116 -15.44 -5.66 5.72
C TRP A 116 -16.05 -5.55 4.34
N THR A 117 -16.75 -4.44 4.09
CA THR A 117 -17.36 -4.10 2.80
C THR A 117 -17.11 -2.62 2.55
N TRP A 118 -17.38 -2.15 1.34
CA TRP A 118 -17.29 -0.71 1.07
C TRP A 118 -18.22 0.07 2.00
N LYS A 119 -19.44 -0.42 2.17
CA LYS A 119 -20.43 0.28 2.97
C LYS A 119 -19.97 0.39 4.43
N ASP A 120 -19.31 -0.65 4.92
CA ASP A 120 -18.79 -0.64 6.28
C ASP A 120 -17.58 0.28 6.42
N LEU A 121 -16.74 0.34 5.41
CA LEU A 121 -15.46 1.07 5.51
C LEU A 121 -15.65 2.58 5.27
N LEU A 122 -16.64 2.95 4.46
CA LEU A 122 -16.75 4.32 3.96
C LEU A 122 -16.80 5.35 5.11
N PRO A 123 -17.58 5.07 6.18
CA PRO A 123 -17.61 6.01 7.29
C PRO A 123 -16.22 6.23 7.89
N TYR A 124 -15.37 5.22 7.82
CA TYR A 124 -14.04 5.32 8.42
C TYR A 124 -13.03 6.02 7.51
N TYR A 125 -13.17 5.91 6.19
CA TYR A 125 -12.50 6.85 5.29
C TYR A 125 -12.88 8.28 5.67
N LEU A 126 -14.18 8.56 5.74
CA LEU A 126 -14.66 9.91 6.09
C LEU A 126 -14.12 10.38 7.44
N LYS A 127 -14.15 9.51 8.45
CA LYS A 127 -13.69 9.86 9.80
C LYS A 127 -12.22 10.31 9.81
N SER A 128 -11.40 9.74 8.95
CA SER A 128 -9.97 10.04 8.93
C SER A 128 -9.67 11.43 8.32
N GLU A 129 -10.59 11.96 7.52
CA GLU A 129 -10.25 12.94 6.49
C GLU A 129 -10.77 14.33 6.82
N ASN A 130 -9.97 15.35 6.51
CA ASN A 130 -10.48 16.73 6.39
C ASN A 130 -10.00 17.33 5.08
N LEU A 131 -10.90 17.40 4.10
CA LEU A 131 -10.58 17.84 2.75
C LEU A 131 -10.83 19.34 2.62
N THR A 132 -9.84 20.06 2.08
CA THR A 132 -9.99 21.48 1.82
C THR A 132 -10.38 21.67 0.37
N ALA A 133 -11.56 22.25 0.16
CA ALA A 133 -12.10 22.39 -1.18
C ALA A 133 -11.20 23.28 -2.05
N PRO A 134 -11.29 23.10 -3.37
CA PRO A 134 -10.36 23.78 -4.27
C PRO A 134 -10.66 25.27 -4.45
N THR A 135 -9.62 26.05 -4.65
CA THR A 135 -9.75 27.45 -5.07
C THR A 135 -10.10 27.54 -6.55
N SER A 136 -10.35 28.76 -7.02
CA SER A 136 -10.65 28.99 -8.44
C SER A 136 -9.52 28.50 -9.34
N SER A 137 -8.28 28.86 -8.99
CA SER A 137 -7.16 28.46 -9.81
C SER A 137 -7.17 26.94 -9.93
N GLN A 138 -7.50 26.25 -8.84
CA GLN A 138 -7.40 24.80 -8.81
C GLN A 138 -8.57 24.17 -9.57
N VAL A 139 -9.75 24.77 -9.44
CA VAL A 139 -10.90 24.34 -10.25
C VAL A 139 -10.65 24.47 -11.75
N ALA A 140 -10.03 25.57 -12.16
CA ALA A 140 -9.72 25.76 -13.58
C ALA A 140 -8.69 24.75 -14.05
N ALA A 141 -7.84 24.29 -13.12
CA ALA A 141 -6.88 23.25 -13.40
C ALA A 141 -7.50 21.86 -13.45
N GLY A 142 -8.76 21.76 -13.01
CA GLY A 142 -9.55 20.52 -13.08
C GLY A 142 -9.87 19.87 -11.74
N ALA A 143 -9.48 20.51 -10.64
CA ALA A 143 -9.76 19.96 -9.29
C ALA A 143 -11.23 19.89 -8.97
N ALA A 144 -11.66 18.76 -8.41
CA ALA A 144 -13.06 18.56 -8.03
C ALA A 144 -13.17 17.53 -6.89
N TYR A 145 -14.35 17.46 -6.28
CA TYR A 145 -14.67 16.44 -5.29
C TYR A 145 -16.17 16.30 -5.07
N ASN A 146 -16.57 15.17 -4.54
CA ASN A 146 -17.94 14.92 -4.11
C ASN A 146 -18.02 15.00 -2.60
N PRO A 147 -18.71 16.04 -2.09
CA PRO A 147 -18.82 16.32 -0.66
C PRO A 147 -19.34 15.13 0.16
N ALA A 148 -20.15 14.28 -0.46
CA ALA A 148 -20.76 13.16 0.25
C ALA A 148 -19.79 12.04 0.60
N VAL A 149 -18.63 11.99 -0.07
CA VAL A 149 -17.64 10.96 0.21
C VAL A 149 -16.31 11.51 0.74
N ASN A 150 -16.30 12.75 1.23
CA ASN A 150 -15.11 13.30 1.89
C ASN A 150 -15.45 13.90 3.25
N GLY A 151 -14.58 13.65 4.23
CA GLY A 151 -14.78 14.12 5.59
C GLY A 151 -14.29 15.54 5.70
N LYS A 152 -14.77 16.23 6.73
CA LYS A 152 -14.38 17.60 7.02
C LYS A 152 -13.92 17.78 8.46
N GLU A 153 -13.95 16.72 9.27
CA GLU A 153 -13.51 16.84 10.66
C GLU A 153 -12.30 15.97 11.02
N GLY A 154 -11.78 15.21 10.06
CA GLY A 154 -10.76 14.20 10.39
C GLY A 154 -9.38 14.79 10.63
N PRO A 155 -8.46 13.99 11.20
CA PRO A 155 -7.10 14.52 11.41
C PRO A 155 -6.29 14.72 10.14
N LEU A 156 -6.56 13.94 9.09
CA LEU A 156 -5.69 13.94 7.89
C LEU A 156 -6.17 15.02 6.93
N LYS A 157 -5.45 16.13 6.95
CA LYS A 157 -5.71 17.18 5.98
C LYS A 157 -5.35 16.72 4.56
N VAL A 158 -6.30 16.93 3.65
CA VAL A 158 -6.17 16.58 2.24
C VAL A 158 -6.58 17.80 1.39
N GLY A 159 -5.93 17.97 0.25
CA GLY A 159 -6.14 19.16 -0.56
C GLY A 159 -5.33 19.11 -1.84
N TRP A 160 -5.28 20.24 -2.54
CA TRP A 160 -4.44 20.38 -3.75
C TRP A 160 -3.33 21.40 -3.53
N SER A 161 -2.26 21.30 -4.33
CA SER A 161 -1.13 22.22 -4.18
C SER A 161 -1.57 23.65 -4.42
N GLY A 162 -0.99 24.57 -3.64
CA GLY A 162 -1.23 25.99 -3.82
C GLY A 162 -0.68 26.48 -5.16
N SER A 163 0.19 25.69 -5.76
CA SER A 163 0.78 26.03 -7.05
C SER A 163 0.06 25.39 -8.24
N LEU A 164 -0.95 24.58 -7.96
CA LEU A 164 -1.73 23.98 -9.04
C LEU A 164 -2.31 25.05 -9.98
N ALA A 165 -2.00 24.94 -11.27
CA ALA A 165 -2.65 25.80 -12.27
C ALA A 165 -2.81 25.07 -13.58
N SER A 166 -3.79 25.51 -14.36
CA SER A 166 -4.03 24.94 -15.67
C SER A 166 -2.88 25.24 -16.62
N GLY A 167 -2.70 24.38 -17.61
CA GLY A 167 -1.62 24.50 -18.58
C GLY A 167 -1.86 23.61 -19.80
N ASN A 168 -1.07 23.82 -20.86
CA ASN A 168 -1.36 23.21 -22.14
C ASN A 168 -1.43 21.68 -22.07
N LEU A 169 -0.54 21.09 -21.28
CA LEU A 169 -0.46 19.63 -21.16
C LEU A 169 -1.73 19.05 -20.55
N SER A 170 -2.14 19.54 -19.38
CA SER A 170 -3.29 18.94 -18.71
C SER A 170 -4.59 19.19 -19.50
N VAL A 171 -4.64 20.34 -20.15
CA VAL A 171 -5.79 20.70 -20.95
C VAL A 171 -5.91 19.78 -22.16
N ALA A 172 -4.78 19.53 -22.81
CA ALA A 172 -4.78 18.62 -23.97
C ALA A 172 -5.12 17.19 -23.56
N LEU A 173 -4.51 16.73 -22.48
CA LEU A 173 -4.76 15.39 -21.94
C LEU A 173 -6.26 15.18 -21.72
N ASN A 174 -6.90 16.17 -21.10
CA ASN A 174 -8.31 16.07 -20.72
C ASN A 174 -9.16 15.71 -21.96
N ARG A 175 -8.89 16.41 -23.05
CA ARG A 175 -9.64 16.23 -24.29
C ARG A 175 -9.22 14.95 -24.99
N THR A 176 -7.93 14.62 -24.91
CA THR A 176 -7.41 13.47 -25.63
C THR A 176 -7.91 12.16 -25.02
N PHE A 177 -8.23 12.18 -23.74
CA PHE A 177 -8.83 11.02 -23.09
C PHE A 177 -10.18 10.62 -23.67
N GLN A 178 -10.88 11.56 -24.29
CA GLN A 178 -12.14 11.22 -24.94
C GLN A 178 -11.89 10.23 -26.06
N ALA A 179 -10.96 10.57 -26.93
CA ALA A 179 -10.53 9.69 -28.01
C ALA A 179 -10.17 8.30 -27.48
N ALA A 180 -9.60 8.26 -26.29
CA ALA A 180 -9.15 6.99 -25.74
C ALA A 180 -10.26 6.23 -25.01
N GLY A 181 -11.34 6.94 -24.68
CA GLY A 181 -12.54 6.28 -24.17
C GLY A 181 -12.64 6.26 -22.66
N VAL A 182 -11.78 7.02 -21.98
CA VAL A 182 -11.83 7.14 -20.53
C VAL A 182 -12.37 8.51 -20.12
N PRO A 183 -13.58 8.51 -19.54
CA PRO A 183 -14.26 9.73 -19.15
C PRO A 183 -13.60 10.43 -17.96
N TRP A 184 -13.84 11.73 -17.87
CA TRP A 184 -13.57 12.48 -16.65
C TRP A 184 -14.53 12.06 -15.54
N VAL A 185 -14.01 11.94 -14.32
CA VAL A 185 -14.85 11.79 -13.14
C VAL A 185 -14.50 12.78 -12.05
N GLU A 186 -15.48 13.17 -11.25
CA GLU A 186 -15.31 14.27 -10.32
C GLU A 186 -14.52 13.84 -9.09
N ASP A 187 -14.59 12.56 -8.74
CA ASP A 187 -13.98 12.10 -7.49
C ASP A 187 -13.71 10.59 -7.60
N VAL A 188 -12.44 10.19 -7.56
CA VAL A 188 -12.11 8.77 -7.67
C VAL A 188 -12.32 8.01 -6.37
N ASN A 189 -12.76 8.72 -5.33
CA ASN A 189 -12.71 8.20 -3.98
C ASN A 189 -14.10 7.81 -3.46
N GLY A 190 -15.06 7.74 -4.39
CA GLY A 190 -16.41 7.35 -4.02
C GLY A 190 -16.72 5.89 -4.30
N GLY A 191 -15.70 5.07 -4.52
CA GLY A 191 -15.90 3.63 -4.73
C GLY A 191 -15.90 3.23 -6.19
N LYS A 192 -15.99 4.20 -7.10
CA LYS A 192 -15.91 3.95 -8.53
C LYS A 192 -14.78 4.75 -9.15
N MET A 193 -13.67 4.08 -9.46
CA MET A 193 -12.42 4.77 -9.66
C MET A 193 -12.13 5.02 -11.14
N ARG A 194 -12.82 4.30 -12.02
CA ARG A 194 -12.51 4.37 -13.45
C ARG A 194 -12.72 5.78 -13.95
N GLY A 195 -11.76 6.29 -14.73
CA GLY A 195 -11.84 7.62 -15.32
C GLY A 195 -10.51 8.32 -15.27
N PHE A 196 -10.51 9.62 -15.56
CA PHE A 196 -9.32 10.44 -15.30
C PHE A 196 -9.69 11.62 -14.42
N ASN A 197 -8.71 12.13 -13.69
CA ASN A 197 -8.99 12.94 -12.52
C ASN A 197 -7.75 13.70 -12.05
N ILE A 198 -7.97 14.92 -11.54
CA ILE A 198 -6.93 15.65 -10.79
C ILE A 198 -7.00 15.34 -9.30
N TYR A 199 -6.31 14.28 -8.89
CA TYR A 199 -6.46 13.74 -7.53
C TYR A 199 -5.91 14.70 -6.50
N PRO A 200 -6.50 14.71 -5.30
CA PRO A 200 -5.97 15.47 -4.17
C PRO A 200 -4.77 14.78 -3.56
N SER A 201 -4.11 15.45 -2.62
CA SER A 201 -2.94 14.92 -1.94
C SER A 201 -3.06 15.06 -0.42
N THR A 202 -2.16 14.38 0.28
CA THR A 202 -2.06 14.57 1.73
C THR A 202 -1.16 15.77 2.03
N LEU A 203 -1.80 16.94 2.13
CA LEU A 203 -1.13 18.23 2.19
C LEU A 203 -1.88 19.14 3.17
N ASP A 204 -1.14 19.86 4.01
CA ASP A 204 -1.70 20.93 4.84
C ASP A 204 -1.51 22.25 4.12
N VAL A 205 -2.61 22.75 3.55
CA VAL A 205 -2.55 23.94 2.71
C VAL A 205 -2.46 25.22 3.55
N ASP A 206 -2.68 25.12 4.86
CA ASP A 206 -2.51 26.28 5.74
C ASP A 206 -1.04 26.49 6.14
N LEU A 207 -0.23 25.43 6.05
CA LEU A 207 1.21 25.57 6.31
C LEU A 207 2.04 25.40 5.04
N ASN A 208 1.42 24.89 3.99
CA ASN A 208 2.16 24.37 2.86
C ASN A 208 3.20 23.34 3.31
N VAL A 209 2.77 22.33 4.05
CA VAL A 209 3.63 21.19 4.40
C VAL A 209 2.96 19.87 4.04
N ARG A 210 3.78 18.85 3.78
CA ARG A 210 3.31 17.46 3.75
C ARG A 210 2.52 17.13 4.99
N GLU A 211 1.34 16.55 4.79
CA GLU A 211 0.53 16.05 5.88
C GLU A 211 0.78 14.55 6.04
N ASP A 212 1.84 14.23 6.76
CA ASP A 212 2.11 12.83 7.14
C ASP A 212 1.26 12.44 8.35
N ALA A 213 1.35 11.17 8.75
CA ALA A 213 0.50 10.64 9.82
C ALA A 213 0.77 11.28 11.18
N ALA A 214 1.99 11.77 11.39
CA ALA A 214 2.36 12.37 12.66
C ALA A 214 1.81 13.77 12.79
N ARG A 215 1.97 14.56 11.73
CA ARG A 215 1.33 15.88 11.63
C ARG A 215 -0.19 15.77 11.82
N ALA A 216 -0.78 14.72 11.26
CA ALA A 216 -2.21 14.46 11.42
C ALA A 216 -2.59 13.98 12.83
N TYR A 217 -2.14 12.77 13.19
CA TYR A 217 -2.70 12.04 14.32
C TYR A 217 -1.90 12.13 15.62
N TYR A 218 -0.69 12.69 15.57
CA TYR A 218 0.15 12.75 16.76
C TYR A 218 0.37 14.16 17.33
N PHE A 219 1.02 15.02 16.59
CA PHE A 219 1.51 16.29 17.15
C PHE A 219 0.38 17.17 17.71
N PRO A 220 -0.81 17.14 17.10
CA PRO A 220 -1.88 17.96 17.66
C PRO A 220 -2.44 17.38 18.96
N TYR A 221 -1.95 16.20 19.34
CA TYR A 221 -2.52 15.45 20.44
C TYR A 221 -1.45 15.07 21.46
N ASP A 222 -0.23 15.56 21.28
CA ASP A 222 0.86 15.10 22.12
C ASP A 222 0.84 15.73 23.53
N ASP A 223 -0.22 16.48 23.82
CA ASP A 223 -0.50 16.96 25.20
C ASP A 223 -1.18 15.93 26.08
N ARG A 224 -1.81 14.94 25.47
CA ARG A 224 -2.43 13.84 26.22
C ARG A 224 -1.40 13.13 27.08
N LYS A 225 -1.64 13.11 28.38
CA LYS A 225 -0.67 12.54 29.31
C LYS A 225 -0.77 11.02 29.38
N ASN A 226 -1.83 10.48 28.79
CA ASN A 226 -2.05 9.01 28.74
C ASN A 226 -1.49 8.40 27.46
N LEU A 227 -0.97 9.26 26.58
CA LEU A 227 -0.30 8.83 25.35
C LEU A 227 1.21 9.03 25.50
N HIS A 228 1.94 7.93 25.44
CA HIS A 228 3.38 7.91 25.66
C HIS A 228 4.11 7.44 24.40
N LEU A 229 5.22 8.12 24.07
CA LEU A 229 6.03 7.78 22.90
C LEU A 229 7.47 7.49 23.30
N LEU A 230 8.00 6.38 22.83
CA LEU A 230 9.44 6.11 22.85
C LEU A 230 9.97 6.09 21.41
N GLU A 231 10.69 7.14 21.03
CA GLU A 231 11.43 7.17 19.76
C GLU A 231 12.76 6.43 19.83
N ASN A 232 13.37 6.24 18.66
CA ASN A 232 14.67 5.56 18.54
C ASN A 232 14.65 4.26 19.32
N THR A 233 13.51 3.59 19.30
CA THR A 233 13.31 2.44 20.14
C THR A 233 12.76 1.30 19.28
N THR A 234 13.51 0.22 19.20
CA THR A 234 13.20 -0.87 18.27
C THR A 234 12.55 -2.02 19.03
N ALA A 235 11.35 -2.41 18.60
CA ALA A 235 10.72 -3.64 19.07
C ALA A 235 11.37 -4.84 18.40
N ASN A 236 11.78 -5.81 19.21
CA ASN A 236 12.47 -6.99 18.69
C ASN A 236 11.55 -8.20 18.61
N ARG A 237 10.76 -8.43 19.65
CA ARG A 237 9.78 -9.51 19.67
C ARG A 237 8.81 -9.27 20.83
N LEU A 238 7.68 -9.96 20.80
CA LEU A 238 6.80 -10.01 21.94
C LEU A 238 7.29 -11.12 22.85
N PHE A 239 6.92 -11.02 24.13
CA PHE A 239 7.02 -12.15 25.05
C PHE A 239 5.66 -12.45 25.69
N TRP A 240 5.55 -13.63 26.28
CA TRP A 240 4.25 -14.23 26.54
C TRP A 240 4.07 -14.46 28.02
N LYS A 241 2.82 -14.53 28.47
CA LYS A 241 2.53 -14.95 29.82
C LYS A 241 2.76 -16.46 29.95
N ASN A 242 3.43 -16.86 31.02
CA ASN A 242 3.80 -18.26 31.22
C ASN A 242 2.74 -18.96 32.07
N GLY A 243 2.05 -19.93 31.48
CA GLY A 243 0.90 -20.55 32.13
C GLY A 243 0.04 -21.30 31.15
N SER A 244 -0.56 -22.39 31.60
CA SER A 244 -1.07 -23.42 30.69
C SER A 244 -2.43 -23.02 30.11
N ALA A 245 -2.59 -21.74 29.81
CA ALA A 245 -3.33 -21.32 28.63
C ALA A 245 -2.55 -21.69 27.37
N GLU A 246 -3.00 -22.74 26.69
CA GLU A 246 -2.47 -23.08 25.37
C GLU A 246 -2.63 -21.92 24.39
N GLU A 247 -3.78 -21.23 24.44
CA GLU A 247 -3.94 -19.96 23.74
C GLU A 247 -2.94 -18.93 24.28
N ALA A 248 -2.23 -18.26 23.38
CA ALA A 248 -1.10 -17.42 23.77
C ALA A 248 -1.57 -16.05 24.21
N ILE A 249 -1.13 -15.63 25.39
CA ILE A 249 -1.44 -14.31 25.91
C ILE A 249 -0.17 -13.47 25.95
N ALA A 250 -0.09 -12.43 25.12
CA ALA A 250 1.10 -11.56 25.11
C ALA A 250 1.18 -10.78 26.40
N ASP A 251 2.39 -10.73 26.97
CA ASP A 251 2.65 -10.04 28.22
C ASP A 251 3.20 -8.64 27.89
N GLY A 252 3.97 -8.54 26.81
CA GLY A 252 4.65 -7.30 26.47
C GLY A 252 5.55 -7.39 25.26
N VAL A 253 6.45 -6.41 25.12
CA VAL A 253 7.36 -6.29 23.99
C VAL A 253 8.77 -6.07 24.48
N GLU A 254 9.72 -6.76 23.86
CA GLU A 254 11.13 -6.54 24.14
C GLU A 254 11.63 -5.42 23.24
N ILE A 255 12.45 -4.52 23.80
CA ILE A 255 12.84 -3.32 23.07
C ILE A 255 14.31 -3.01 23.24
N THR A 256 14.89 -2.45 22.18
CA THR A 256 16.23 -1.88 22.26
C THR A 256 16.17 -0.37 22.06
N SER A 257 16.71 0.36 23.04
CA SER A 257 16.76 1.83 22.99
C SER A 257 18.01 2.34 22.29
N ALA A 258 18.05 3.65 22.05
CA ALA A 258 19.04 4.26 21.17
C ALA A 258 20.42 4.11 21.78
N ASP A 259 20.51 4.37 23.08
CA ASP A 259 21.77 4.24 23.79
C ASP A 259 21.78 2.96 24.60
N GLY A 260 21.29 1.90 23.99
CA GLY A 260 21.88 0.57 24.17
C GLY A 260 21.03 -0.33 25.06
N LYS A 261 20.25 0.27 25.94
CA LYS A 261 19.48 -0.50 26.92
C LYS A 261 18.48 -1.42 26.22
N VAL A 262 18.55 -2.72 26.54
CA VAL A 262 17.59 -3.70 26.06
C VAL A 262 16.71 -4.17 27.21
N THR A 263 15.43 -3.81 27.16
CA THR A 263 14.52 -3.94 28.28
C THR A 263 13.14 -4.43 27.80
N ARG A 264 12.20 -4.53 28.73
CA ARG A 264 10.83 -4.94 28.45
C ARG A 264 9.83 -3.84 28.82
N VAL A 265 8.77 -3.73 28.03
CA VAL A 265 7.57 -3.02 28.45
C VAL A 265 6.40 -3.99 28.36
N HIS A 266 5.41 -3.78 29.23
CA HIS A 266 4.32 -4.71 29.41
C HIS A 266 2.99 -4.05 29.00
N ALA A 267 2.08 -4.89 28.53
CA ALA A 267 0.71 -4.48 28.21
C ALA A 267 -0.32 -5.18 29.09
N LYS A 268 -1.18 -4.43 29.74
CA LYS A 268 -2.26 -5.01 30.54
C LYS A 268 -3.37 -5.57 29.66
N LYS A 269 -3.62 -4.95 28.50
CA LYS A 269 -4.75 -5.36 27.66
C LYS A 269 -4.31 -6.04 26.36
N GLU A 270 -3.74 -5.26 25.43
CA GLU A 270 -3.37 -5.80 24.13
C GLU A 270 -2.07 -5.22 23.61
N VAL A 271 -1.45 -5.96 22.68
CA VAL A 271 -0.34 -5.46 21.90
C VAL A 271 -0.75 -5.38 20.44
N ILE A 272 -0.62 -4.18 19.87
CA ILE A 272 -0.98 -3.92 18.48
C ILE A 272 0.30 -3.75 17.66
N ILE A 273 0.49 -4.63 16.68
CA ILE A 273 1.65 -4.57 15.79
C ILE A 273 1.37 -3.82 14.48
N SER A 274 2.11 -2.72 14.30
CA SER A 274 1.89 -1.79 13.17
C SER A 274 3.23 -1.37 12.52
N ALA A 275 4.10 -2.34 12.29
CA ALA A 275 5.46 -2.06 11.82
C ALA A 275 5.55 -2.05 10.29
N GLY A 276 4.44 -2.32 9.63
CA GLY A 276 4.40 -2.35 8.17
C GLY A 276 4.54 -3.74 7.60
N ALA A 277 4.23 -3.89 6.31
CA ALA A 277 4.09 -5.20 5.68
C ALA A 277 5.42 -5.94 5.53
N LEU A 278 6.50 -5.19 5.73
CA LEU A 278 7.85 -5.74 5.63
C LEU A 278 8.53 -5.93 6.99
N ARG A 279 7.81 -5.75 8.10
CA ARG A 279 8.39 -5.89 9.45
C ARG A 279 7.45 -6.56 10.45
N SER A 280 6.16 -6.25 10.38
CA SER A 280 5.19 -6.94 11.24
C SER A 280 5.29 -8.47 11.21
N PRO A 281 5.38 -9.10 10.01
CA PRO A 281 5.51 -10.57 9.97
C PRO A 281 6.82 -11.05 10.59
N LEU A 282 7.87 -10.24 10.51
CA LEU A 282 9.15 -10.59 11.14
C LEU A 282 9.05 -10.59 12.66
N ILE A 283 8.38 -9.58 13.20
CA ILE A 283 8.14 -9.49 14.64
C ILE A 283 7.35 -10.70 15.14
N LEU A 284 6.36 -11.11 14.36
CA LEU A 284 5.64 -12.32 14.67
C LEU A 284 6.56 -13.54 14.70
N GLU A 285 7.38 -13.71 13.66
CA GLU A 285 8.29 -14.86 13.59
C GLU A 285 9.23 -14.86 14.80
N LEU A 286 9.77 -13.70 15.12
CA LEU A 286 10.71 -13.61 16.24
C LEU A 286 10.04 -13.90 17.59
N SER A 287 8.72 -13.73 17.66
CA SER A 287 7.94 -14.03 18.87
C SER A 287 7.43 -15.46 18.91
N GLY A 288 7.86 -16.30 17.97
CA GLY A 288 7.43 -17.69 17.93
C GLY A 288 6.10 -17.91 17.23
N VAL A 289 5.62 -16.89 16.52
CA VAL A 289 4.37 -17.06 15.77
C VAL A 289 4.69 -17.14 14.28
N GLY A 290 4.57 -18.32 13.71
CA GLY A 290 4.91 -18.54 12.29
C GLY A 290 5.21 -19.98 11.94
N ASN A 291 5.92 -20.16 10.83
CA ASN A 291 6.24 -21.49 10.29
C ASN A 291 7.29 -22.21 11.15
N PRO A 292 6.90 -23.30 11.83
CA PRO A 292 7.80 -23.84 12.87
C PRO A 292 9.13 -24.35 12.30
N THR A 293 9.15 -24.70 11.02
CA THR A 293 10.38 -25.14 10.38
C THR A 293 11.39 -23.99 10.31
N ILE A 294 10.91 -22.82 9.92
CA ILE A 294 11.75 -21.64 9.87
C ILE A 294 12.13 -21.19 11.27
N LEU A 295 11.19 -21.26 12.19
CA LEU A 295 11.46 -20.81 13.55
C LEU A 295 12.55 -21.67 14.21
N LYS A 296 12.42 -22.97 14.05
CA LYS A 296 13.33 -23.90 14.71
C LYS A 296 14.72 -23.76 14.12
N LYS A 297 14.79 -23.64 12.79
CA LYS A 297 16.03 -23.44 12.07
C LYS A 297 16.77 -22.23 12.59
N ASN A 298 16.02 -21.21 12.98
CA ASN A 298 16.61 -19.98 13.50
C ASN A 298 16.60 -19.92 15.03
N ASN A 299 16.50 -21.08 15.67
CA ASN A 299 16.65 -21.18 17.12
C ASN A 299 15.66 -20.31 17.86
N ILE A 300 14.39 -20.41 17.44
CA ILE A 300 13.28 -19.79 18.15
C ILE A 300 12.26 -20.87 18.53
N THR A 301 11.75 -20.83 19.77
CA THR A 301 10.74 -21.81 20.17
C THR A 301 9.41 -21.43 19.54
N PRO A 302 8.77 -22.40 18.87
CA PRO A 302 7.44 -22.11 18.35
C PRO A 302 6.39 -21.94 19.44
N ARG A 303 5.63 -20.84 19.34
CA ARG A 303 4.58 -20.53 20.33
C ARG A 303 3.21 -20.66 19.69
N VAL A 304 3.12 -20.34 18.40
CA VAL A 304 1.90 -20.59 17.63
C VAL A 304 2.28 -21.06 16.23
N ASP A 305 1.70 -22.18 15.81
CA ASP A 305 2.03 -22.81 14.54
C ASP A 305 1.15 -22.20 13.44
N LEU A 306 1.68 -21.17 12.79
CA LEU A 306 0.90 -20.37 11.85
C LEU A 306 1.75 -20.09 10.61
N PRO A 307 1.86 -21.10 9.72
CA PRO A 307 3.00 -21.09 8.81
C PRO A 307 2.88 -20.12 7.64
N THR A 308 1.76 -19.42 7.54
CA THR A 308 1.60 -18.43 6.49
C THR A 308 1.92 -17.01 6.93
N VAL A 309 2.43 -16.82 8.15
CA VAL A 309 3.09 -15.56 8.48
C VAL A 309 4.23 -15.34 7.51
N GLY A 310 4.24 -14.19 6.84
CA GLY A 310 5.26 -13.86 5.86
C GLY A 310 4.94 -14.31 4.44
N GLU A 311 3.93 -15.16 4.29
CA GLU A 311 3.53 -15.60 2.95
C GLU A 311 2.42 -14.70 2.40
N ASN A 312 2.04 -14.94 1.15
CA ASN A 312 1.04 -14.15 0.43
C ASN A 312 1.42 -12.68 0.27
N LEU A 313 2.72 -12.44 0.12
CA LEU A 313 3.21 -11.11 -0.17
C LEU A 313 2.86 -10.74 -1.60
N GLN A 314 2.16 -9.62 -1.77
CA GLN A 314 1.73 -9.13 -3.06
C GLN A 314 2.18 -7.68 -3.23
N ASP A 315 2.90 -7.39 -4.32
CA ASP A 315 3.32 -6.01 -4.62
C ASP A 315 3.08 -5.71 -6.08
N GLN A 316 3.15 -4.44 -6.43
CA GLN A 316 3.07 -4.02 -7.82
C GLN A 316 4.43 -3.52 -8.28
N PHE A 317 4.64 -3.47 -9.59
CA PHE A 317 5.83 -2.84 -10.14
C PHE A 317 5.47 -1.70 -11.09
N ASN A 318 6.36 -0.74 -11.16
CA ASN A 318 6.08 0.54 -11.75
C ASN A 318 7.12 0.80 -12.87
N ASN A 319 6.67 1.32 -14.01
CA ASN A 319 7.55 1.73 -15.10
C ASN A 319 7.32 3.19 -15.50
N GLY A 320 8.17 3.72 -16.37
CA GLY A 320 8.09 5.14 -16.73
C GLY A 320 8.34 5.36 -18.21
N MET A 321 7.55 6.26 -18.81
CA MET A 321 7.71 6.64 -20.21
C MET A 321 7.76 8.16 -20.30
N ALA A 322 8.32 8.68 -21.40
CA ALA A 322 8.41 10.12 -21.57
C ALA A 322 8.30 10.54 -23.02
N GLY A 323 7.81 11.76 -23.21
CA GLY A 323 7.84 12.41 -24.50
C GLY A 323 8.35 13.84 -24.38
N GLU A 324 8.37 14.54 -25.51
CA GLU A 324 9.02 15.84 -25.61
C GLU A 324 8.15 16.77 -26.45
N GLY A 325 7.76 17.93 -25.88
CA GLY A 325 6.98 18.90 -26.62
C GLY A 325 7.77 19.75 -27.60
N TYR A 326 7.07 20.39 -28.54
CA TYR A 326 7.70 21.36 -29.42
C TYR A 326 8.12 22.56 -28.60
N GLY A 327 7.39 22.79 -27.51
CA GLY A 327 7.83 23.74 -26.49
C GLY A 327 7.43 23.31 -25.10
N VAL A 328 7.38 24.28 -24.18
CA VAL A 328 7.28 23.98 -22.77
C VAL A 328 5.91 23.39 -22.42
N LEU A 329 5.93 22.31 -21.66
CA LEU A 329 4.68 21.66 -21.24
C LEU A 329 4.40 21.93 -19.76
N ALA A 330 3.15 22.24 -19.45
CA ALA A 330 2.79 22.73 -18.13
C ALA A 330 1.38 22.29 -17.73
N GLY A 331 1.11 22.35 -16.43
CA GLY A 331 -0.24 22.20 -15.91
C GLY A 331 -0.29 21.17 -14.81
N ALA A 332 -1.46 20.56 -14.68
CA ALA A 332 -1.77 19.69 -13.54
C ALA A 332 -1.15 18.33 -13.75
N SER A 333 -1.03 17.57 -12.67
CA SER A 333 -0.74 16.15 -12.78
C SER A 333 -2.03 15.33 -12.74
N THR A 334 -2.18 14.42 -13.70
CA THR A 334 -3.46 13.77 -13.97
C THR A 334 -3.31 12.27 -13.74
N VAL A 335 -4.29 11.66 -13.07
CA VAL A 335 -4.33 10.21 -12.94
C VAL A 335 -5.43 9.63 -13.80
N THR A 336 -5.14 8.48 -14.38
CA THR A 336 -6.11 7.72 -15.15
C THR A 336 -6.18 6.31 -14.60
N TYR A 337 -7.40 5.82 -14.48
CA TYR A 337 -7.67 4.47 -13.97
C TYR A 337 -8.45 3.69 -14.99
N PRO A 338 -7.76 3.14 -16.01
CA PRO A 338 -8.43 2.41 -17.07
C PRO A 338 -8.80 1.00 -16.67
N SER A 339 -9.91 0.51 -17.21
CA SER A 339 -10.26 -0.90 -17.08
C SER A 339 -9.56 -1.77 -18.12
N ILE A 340 -9.82 -3.07 -18.03
CA ILE A 340 -9.24 -4.01 -19.00
C ILE A 340 -9.68 -3.72 -20.43
N SER A 341 -10.94 -3.35 -20.63
CA SER A 341 -11.39 -3.02 -21.99
C SER A 341 -10.91 -1.65 -22.49
N ASP A 342 -10.68 -0.70 -21.57
CA ASP A 342 -9.99 0.54 -21.93
C ASP A 342 -8.60 0.23 -22.48
N VAL A 343 -7.86 -0.62 -21.78
CA VAL A 343 -6.46 -0.85 -22.11
C VAL A 343 -6.28 -1.69 -23.38
N PHE A 344 -7.09 -2.73 -23.54
CA PHE A 344 -6.87 -3.71 -24.61
C PHE A 344 -7.84 -3.55 -25.79
N GLY A 345 -8.85 -2.69 -25.60
CA GLY A 345 -9.81 -2.37 -26.64
C GLY A 345 -10.33 -3.58 -27.39
N ASN A 346 -9.99 -3.62 -28.67
CA ASN A 346 -10.42 -4.60 -29.66
C ASN A 346 -10.06 -6.02 -29.28
N GLU A 347 -8.98 -6.15 -28.53
CA GLU A 347 -8.38 -7.44 -28.25
C GLU A 347 -8.78 -8.01 -26.89
N THR A 348 -9.64 -7.28 -26.18
CA THR A 348 -9.99 -7.61 -24.79
C THR A 348 -10.46 -9.05 -24.62
N ASP A 349 -11.34 -9.52 -25.51
CA ASP A 349 -11.95 -10.83 -25.26
CA ASP A 349 -11.97 -10.85 -25.40
C ASP A 349 -10.92 -11.97 -25.46
N SER A 350 -9.98 -11.81 -26.37
CA SER A 350 -8.93 -12.81 -26.55
C SER A 350 -7.87 -12.75 -25.43
N ILE A 351 -7.58 -11.54 -24.96
CA ILE A 351 -6.77 -11.38 -23.74
C ILE A 351 -7.45 -12.04 -22.52
N VAL A 352 -8.77 -11.86 -22.39
CA VAL A 352 -9.50 -12.44 -21.27
C VAL A 352 -9.51 -13.96 -21.33
N ALA A 353 -9.64 -14.51 -22.53
CA ALA A 353 -9.70 -15.96 -22.69
C ALA A 353 -8.38 -16.60 -22.28
N SER A 354 -7.27 -16.04 -22.77
CA SER A 354 -5.95 -16.50 -22.40
C SER A 354 -5.75 -16.46 -20.88
N LEU A 355 -6.12 -15.35 -20.25
CA LEU A 355 -6.02 -15.22 -18.80
C LEU A 355 -6.85 -16.28 -18.08
N ARG A 356 -8.10 -16.45 -18.52
CA ARG A 356 -9.01 -17.47 -17.96
CA ARG A 356 -8.94 -17.45 -17.85
C ARG A 356 -8.32 -18.82 -17.93
N SER A 357 -7.66 -19.15 -19.05
CA SER A 357 -7.09 -20.47 -19.30
C SER A 357 -5.83 -20.68 -18.48
N GLN A 358 -5.36 -19.63 -17.81
CA GLN A 358 -4.09 -19.69 -17.06
C GLN A 358 -4.22 -19.77 -15.53
N LEU A 359 -5.40 -19.46 -15.00
CA LEU A 359 -5.59 -19.27 -13.55
C LEU A 359 -5.13 -20.50 -12.74
N SER A 360 -5.59 -21.67 -13.16
CA SER A 360 -5.27 -22.91 -12.46
C SER A 360 -3.76 -23.21 -12.45
N ASP A 361 -3.09 -22.83 -13.53
CA ASP A 361 -1.64 -23.01 -13.63
C ASP A 361 -0.89 -22.00 -12.72
N TYR A 362 -1.41 -20.77 -12.61
CA TYR A 362 -0.80 -19.76 -11.75
C TYR A 362 -0.92 -20.27 -10.29
N ALA A 363 -2.08 -20.84 -9.99
CA ALA A 363 -2.34 -21.39 -8.66
C ALA A 363 -1.40 -22.55 -8.35
N ALA A 364 -1.22 -23.45 -9.32
CA ALA A 364 -0.34 -24.61 -9.13
C ALA A 364 1.08 -24.12 -8.86
N ALA A 365 1.48 -23.08 -9.58
CA ALA A 365 2.85 -22.58 -9.47
C ALA A 365 3.09 -21.80 -8.19
N THR A 366 2.06 -21.19 -7.61
CA THR A 366 2.24 -20.45 -6.37
C THR A 366 2.40 -21.38 -5.13
N VAL A 367 1.91 -22.61 -5.23
CA VAL A 367 2.01 -23.58 -4.12
C VAL A 367 3.45 -23.70 -3.59
N LYS A 368 4.40 -23.82 -4.50
CA LYS A 368 5.79 -24.04 -4.11
C LYS A 368 6.39 -22.83 -3.41
N VAL A 369 5.80 -21.66 -3.61
CA VAL A 369 6.34 -20.43 -3.00
C VAL A 369 6.22 -20.48 -1.49
N SER A 370 5.12 -21.05 -1.01
CA SER A 370 4.91 -21.22 0.43
C SER A 370 5.23 -22.64 0.90
N ASN A 371 6.05 -23.33 0.11
CA ASN A 371 6.48 -24.69 0.41
C ASN A 371 5.30 -25.59 0.72
N GLY A 372 4.19 -25.39 0.00
CA GLY A 372 3.01 -26.23 0.10
C GLY A 372 2.04 -25.88 1.23
N HIS A 373 2.27 -24.75 1.90
CA HIS A 373 1.39 -24.37 2.99
C HIS A 373 0.06 -23.77 2.52
N MET A 374 0.10 -23.07 1.38
CA MET A 374 -1.11 -22.76 0.63
C MET A 374 -1.38 -23.91 -0.35
N LYS A 375 -2.61 -24.40 -0.35
CA LYS A 375 -2.99 -25.49 -1.24
C LYS A 375 -3.46 -24.94 -2.58
N GLN A 376 -3.31 -25.77 -3.60
CA GLN A 376 -3.67 -25.40 -4.95
C GLN A 376 -5.12 -24.95 -4.98
N GLU A 377 -5.98 -25.74 -4.34
CA GLU A 377 -7.42 -25.47 -4.38
C GLU A 377 -7.72 -24.07 -3.86
N ASP A 378 -7.03 -23.70 -2.79
CA ASP A 378 -7.28 -22.45 -2.09
C ASP A 378 -6.81 -21.27 -2.92
N LEU A 379 -5.69 -21.45 -3.63
CA LEU A 379 -5.13 -20.42 -4.50
C LEU A 379 -5.98 -20.22 -5.75
N GLU A 380 -6.54 -21.31 -6.26
CA GLU A 380 -7.51 -21.21 -7.35
C GLU A 380 -8.71 -20.34 -7.00
N ARG A 381 -9.24 -20.53 -5.80
CA ARG A 381 -10.40 -19.73 -5.36
C ARG A 381 -10.04 -18.26 -5.12
N LEU A 382 -8.85 -18.03 -4.59
CA LEU A 382 -8.34 -16.69 -4.40
C LEU A 382 -8.10 -16.01 -5.75
N TYR A 383 -7.53 -16.74 -6.71
CA TYR A 383 -7.23 -16.14 -8.00
C TYR A 383 -8.51 -15.94 -8.82
N GLN A 384 -9.51 -16.75 -8.56
CA GLN A 384 -10.81 -16.59 -9.20
C GLN A 384 -11.53 -15.31 -8.73
N LEU A 385 -11.42 -14.99 -7.44
CA LEU A 385 -11.97 -13.73 -6.94
C LEU A 385 -11.34 -12.54 -7.65
N GLN A 386 -10.03 -12.59 -7.87
CA GLN A 386 -9.31 -11.50 -8.51
C GLN A 386 -9.66 -11.41 -9.98
N PHE A 387 -9.65 -12.54 -10.66
CA PHE A 387 -10.07 -12.61 -12.07
C PHE A 387 -11.45 -11.98 -12.25
N ASP A 388 -12.40 -12.33 -11.37
CA ASP A 388 -13.77 -11.82 -11.50
C ASP A 388 -13.83 -10.30 -11.29
N LEU A 389 -13.00 -9.76 -10.42
CA LEU A 389 -12.88 -8.30 -10.29
C LEU A 389 -12.37 -7.67 -11.58
N ILE A 390 -11.29 -8.21 -12.12
CA ILE A 390 -10.67 -7.70 -13.32
C ILE A 390 -11.64 -7.69 -14.51
N VAL A 391 -12.38 -8.78 -14.68
CA VAL A 391 -13.13 -8.96 -15.93
C VAL A 391 -14.63 -8.70 -15.78
N LYS A 392 -15.23 -9.29 -14.75
CA LYS A 392 -16.68 -9.22 -14.58
C LYS A 392 -17.12 -7.85 -14.07
N ASP A 393 -16.31 -7.26 -13.18
CA ASP A 393 -16.66 -6.02 -12.51
C ASP A 393 -15.92 -4.83 -13.12
N LYS A 394 -15.07 -5.11 -14.10
CA LYS A 394 -14.38 -4.04 -14.78
CA LYS A 394 -14.24 -4.11 -14.76
C LYS A 394 -13.75 -3.04 -13.79
N VAL A 395 -13.13 -3.50 -12.70
CA VAL A 395 -12.34 -2.58 -11.91
C VAL A 395 -11.17 -2.06 -12.76
N PRO A 396 -10.63 -0.89 -12.41
CA PRO A 396 -9.38 -0.47 -13.07
C PRO A 396 -8.29 -1.55 -13.00
N ILE A 397 -7.51 -1.72 -14.07
CA ILE A 397 -6.37 -2.63 -14.03
C ILE A 397 -5.03 -1.92 -14.07
N ALA A 398 -5.06 -0.59 -14.14
CA ALA A 398 -3.84 0.21 -14.21
C ALA A 398 -4.04 1.54 -13.50
N GLU A 399 -2.98 2.08 -12.90
CA GLU A 399 -2.85 3.51 -12.74
C GLU A 399 -1.85 4.10 -13.73
N ILE A 400 -2.22 5.23 -14.33
CA ILE A 400 -1.27 6.00 -15.13
C ILE A 400 -1.28 7.46 -14.66
N LEU A 401 -0.13 7.91 -14.21
CA LEU A 401 0.10 9.33 -13.91
C LEU A 401 0.78 10.02 -15.10
N PHE A 402 0.21 11.15 -15.52
CA PHE A 402 0.84 12.03 -16.48
C PHE A 402 1.19 13.34 -15.80
N HIS A 403 2.43 13.78 -15.96
CA HIS A 403 2.79 15.09 -15.45
C HIS A 403 3.90 15.80 -16.22
N PRO A 404 3.90 17.13 -16.16
CA PRO A 404 5.02 17.90 -16.71
C PRO A 404 6.35 17.46 -16.10
N GLY A 405 7.31 17.12 -16.95
CA GLY A 405 8.57 16.51 -16.50
C GLY A 405 9.69 17.52 -16.41
N GLY A 406 9.38 18.79 -16.66
CA GLY A 406 10.38 19.84 -16.65
C GLY A 406 10.64 20.35 -18.05
N GLY A 407 10.41 21.65 -18.24
CA GLY A 407 10.55 22.28 -19.56
C GLY A 407 9.71 21.61 -20.63
N ASN A 408 10.40 20.89 -21.51
CA ASN A 408 9.84 20.37 -22.74
C ASN A 408 9.11 19.06 -22.47
N ALA A 409 9.35 18.49 -21.29
CA ALA A 409 9.19 17.08 -21.07
C ALA A 409 7.80 16.77 -20.55
N VAL A 410 7.22 15.69 -21.07
CA VAL A 410 6.07 15.07 -20.43
C VAL A 410 6.44 13.67 -19.93
N SER A 411 6.09 13.39 -18.67
CA SER A 411 6.47 12.14 -18.05
C SER A 411 5.22 11.33 -17.69
N SER A 412 5.30 10.02 -17.92
CA SER A 412 4.25 9.12 -17.45
C SER A 412 4.81 8.02 -16.56
N GLU A 413 4.23 7.88 -15.37
CA GLU A 413 4.50 6.74 -14.50
C GLU A 413 3.27 5.82 -14.54
N PHE A 414 3.49 4.51 -14.54
CA PHE A 414 2.36 3.59 -14.68
C PHE A 414 2.63 2.22 -14.07
N TRP A 415 1.56 1.56 -13.60
CA TRP A 415 1.67 0.19 -13.08
C TRP A 415 0.37 -0.58 -13.24
N GLY A 416 0.49 -1.89 -13.49
CA GLY A 416 -0.64 -2.80 -13.32
C GLY A 416 -1.03 -2.93 -11.85
N LEU A 417 -2.32 -2.75 -11.57
CA LEU A 417 -2.84 -2.75 -10.22
C LEU A 417 -2.93 -4.14 -9.57
N LEU A 418 -3.24 -5.14 -10.40
CA LEU A 418 -3.59 -6.48 -9.91
C LEU A 418 -2.82 -7.57 -10.66
N PRO A 419 -1.49 -7.58 -10.51
CA PRO A 419 -0.73 -8.77 -10.89
C PRO A 419 -1.08 -9.99 -10.03
N PHE A 420 -0.81 -11.18 -10.55
CA PHE A 420 -1.12 -12.41 -9.83
C PHE A 420 0.05 -12.95 -8.99
N ALA A 421 1.25 -12.48 -9.29
CA ALA A 421 2.44 -12.96 -8.58
C ALA A 421 2.28 -12.84 -7.05
N ARG A 422 2.68 -13.88 -6.36
CA ARG A 422 2.82 -13.84 -4.89
C ARG A 422 4.19 -14.34 -4.46
N GLY A 423 4.76 -13.67 -3.45
CA GLY A 423 6.02 -14.07 -2.84
C GLY A 423 5.93 -14.19 -1.33
N ASN A 424 7.04 -13.90 -0.63
CA ASN A 424 7.06 -13.98 0.82
C ASN A 424 8.21 -13.19 1.41
N ILE A 425 8.14 -12.99 2.73
CA ILE A 425 9.24 -12.40 3.49
C ILE A 425 9.47 -13.26 4.74
N HIS A 426 10.74 -13.51 5.07
CA HIS A 426 11.05 -14.32 6.25
C HIS A 426 12.34 -13.84 6.88
N ILE A 427 12.44 -13.98 8.20
CA ILE A 427 13.68 -13.70 8.93
C ILE A 427 14.82 -14.50 8.33
N SER A 428 16.03 -13.97 8.42
CA SER A 428 17.22 -14.71 8.04
C SER A 428 17.99 -15.24 9.26
N SER A 429 17.59 -14.78 10.45
CA SER A 429 18.13 -15.27 11.72
C SER A 429 17.28 -14.70 12.84
N ASN A 430 17.60 -15.05 14.08
CA ASN A 430 16.87 -14.49 15.21
C ASN A 430 17.47 -13.20 15.76
N ASP A 431 18.50 -12.70 15.08
CA ASP A 431 18.98 -11.33 15.30
C ASP A 431 18.02 -10.32 14.67
N PRO A 432 17.38 -9.47 15.49
CA PRO A 432 16.43 -8.47 14.99
C PRO A 432 17.02 -7.47 14.00
N THR A 433 18.34 -7.34 13.99
CA THR A 433 18.99 -6.32 13.17
C THR A 433 19.39 -6.88 11.81
N ALA A 434 19.24 -8.19 11.64
CA ALA A 434 19.62 -8.85 10.36
C ALA A 434 18.59 -8.62 9.26
N PRO A 435 19.07 -8.45 8.02
CA PRO A 435 18.12 -8.20 6.93
C PRO A 435 17.32 -9.44 6.57
N ALA A 436 16.01 -9.27 6.39
CA ALA A 436 15.13 -10.38 6.03
C ALA A 436 15.37 -10.79 4.59
N ALA A 437 14.87 -11.97 4.24
CA ALA A 437 14.79 -12.38 2.86
C ALA A 437 13.41 -12.02 2.31
N ILE A 438 13.41 -10.99 1.47
CA ILE A 438 12.18 -10.44 0.90
C ILE A 438 12.13 -10.81 -0.57
N ASN A 439 11.07 -11.51 -0.97
CA ASN A 439 10.94 -11.91 -2.36
C ASN A 439 9.52 -11.67 -2.84
N PRO A 440 9.32 -10.60 -3.63
CA PRO A 440 7.95 -10.36 -4.09
C PRO A 440 7.55 -11.16 -5.33
N ASN A 441 8.54 -11.79 -5.98
CA ASN A 441 8.36 -12.55 -7.23
C ASN A 441 7.79 -11.71 -8.40
N TYR A 442 8.35 -10.52 -8.60
CA TYR A 442 7.88 -9.65 -9.68
C TYR A 442 7.98 -10.37 -11.03
N PHE A 443 6.96 -10.20 -11.88
CA PHE A 443 6.92 -10.78 -13.24
C PHE A 443 6.76 -12.30 -13.30
N MET A 444 6.31 -12.89 -12.20
CA MET A 444 6.19 -14.34 -12.13
C MET A 444 5.22 -14.90 -13.18
N PHE A 445 4.08 -14.25 -13.35
CA PHE A 445 3.01 -14.79 -14.21
C PHE A 445 2.78 -13.93 -15.45
N GLU A 446 2.41 -14.59 -16.55
CA GLU A 446 2.37 -13.97 -17.86
C GLU A 446 1.50 -12.70 -17.87
N TRP A 447 0.37 -12.74 -17.18
CA TRP A 447 -0.55 -11.59 -17.14
C TRP A 447 0.15 -10.34 -16.60
N ASP A 448 1.00 -10.55 -15.61
CA ASP A 448 1.63 -9.46 -14.88
C ASP A 448 2.45 -8.59 -15.85
N GLY A 449 3.23 -9.25 -16.71
CA GLY A 449 4.00 -8.59 -17.76
C GLY A 449 3.18 -8.12 -18.95
N LYS A 450 2.24 -8.95 -19.37
CA LYS A 450 1.46 -8.69 -20.58
C LYS A 450 0.60 -7.46 -20.38
N SER A 451 -0.02 -7.37 -19.19
CA SER A 451 -0.80 -6.20 -18.83
C SER A 451 0.03 -4.93 -18.74
N GLN A 452 1.22 -5.02 -18.17
CA GLN A 452 2.11 -3.88 -18.10
C GLN A 452 2.47 -3.38 -19.52
N ALA A 453 2.75 -4.32 -20.42
CA ALA A 453 3.04 -4.01 -21.83
C ALA A 453 1.82 -3.39 -22.52
N GLY A 454 0.64 -3.93 -22.21
CA GLY A 454 -0.62 -3.37 -22.67
C GLY A 454 -0.81 -1.91 -22.26
N ILE A 455 -0.49 -1.60 -21.01
CA ILE A 455 -0.56 -0.24 -20.49
C ILE A 455 0.43 0.69 -21.20
N ALA A 456 1.66 0.21 -21.40
CA ALA A 456 2.68 0.95 -22.14
C ALA A 456 2.22 1.28 -23.56
N LYS A 457 1.70 0.28 -24.26
CA LYS A 457 1.21 0.46 -25.64
C LYS A 457 0.07 1.49 -25.66
N TYR A 458 -0.75 1.49 -24.61
CA TYR A 458 -1.88 2.40 -24.45
C TYR A 458 -1.45 3.85 -24.19
N ILE A 459 -0.41 4.03 -23.39
CA ILE A 459 0.22 5.33 -23.20
C ILE A 459 0.81 5.88 -24.49
N ARG A 460 1.57 5.04 -25.18
CA ARG A 460 2.15 5.43 -26.45
C ARG A 460 1.08 5.98 -27.39
N LYS A 461 -0.05 5.28 -27.47
CA LYS A 461 -1.17 5.70 -28.28
C LYS A 461 -1.79 7.03 -27.82
N ILE A 462 -1.87 7.24 -26.51
CA ILE A 462 -2.40 8.50 -25.98
C ILE A 462 -1.53 9.67 -26.44
N LEU A 463 -0.22 9.47 -26.44
CA LEU A 463 0.73 10.54 -26.74
C LEU A 463 0.65 10.90 -28.23
N ARG A 464 0.17 9.95 -29.04
CA ARG A 464 0.03 10.15 -30.48
C ARG A 464 -1.39 10.55 -30.89
N SER A 465 -2.28 10.73 -29.91
CA SER A 465 -3.68 11.05 -30.20
C SER A 465 -3.96 12.56 -30.11
N ALA A 466 -5.01 13.00 -30.80
CA ALA A 466 -5.37 14.42 -30.85
C ALA A 466 -6.30 14.77 -29.70
N PRO A 467 -6.15 15.97 -29.12
CA PRO A 467 -5.29 17.03 -29.63
C PRO A 467 -3.88 17.04 -29.03
N LEU A 468 -3.62 16.14 -28.09
CA LEU A 468 -2.32 16.12 -27.43
C LEU A 468 -1.18 15.99 -28.45
N ASN A 469 -1.42 15.28 -29.54
CA ASN A 469 -0.35 15.00 -30.50
C ASN A 469 0.21 16.26 -31.14
N LYS A 470 -0.58 17.32 -31.16
CA LYS A 470 -0.11 18.61 -31.69
C LYS A 470 0.93 19.28 -30.79
N LEU A 471 0.95 18.88 -29.52
CA LEU A 471 1.93 19.42 -28.57
C LEU A 471 3.23 18.63 -28.53
N ILE A 472 3.16 17.35 -28.91
CA ILE A 472 4.26 16.41 -28.70
C ILE A 472 5.00 16.16 -30.01
N ALA A 473 6.30 16.45 -30.01
CA ALA A 473 7.14 16.18 -31.16
C ALA A 473 7.44 14.69 -31.27
N LYS A 474 7.86 14.08 -30.17
CA LYS A 474 8.33 12.69 -30.21
C LYS A 474 8.24 11.99 -28.84
N GLU A 475 8.30 10.67 -28.87
CA GLU A 475 8.51 9.88 -27.67
C GLU A 475 10.00 9.74 -27.43
N THR A 476 10.40 9.96 -26.19
CA THR A 476 11.81 9.93 -25.83
C THR A 476 12.18 8.69 -25.02
N LYS A 477 11.18 8.09 -24.38
CA LYS A 477 11.41 6.89 -23.58
C LYS A 477 10.20 5.98 -23.60
N PRO A 478 10.38 4.77 -24.13
CA PRO A 478 11.66 4.22 -24.57
C PRO A 478 12.10 4.80 -25.92
N GLY A 479 11.16 5.38 -26.66
CA GLY A 479 11.44 5.90 -28.00
C GLY A 479 11.33 4.82 -29.06
N LEU A 480 11.01 5.25 -30.28
CA LEU A 480 10.71 4.33 -31.37
C LEU A 480 11.91 3.52 -31.86
N SER A 481 13.12 4.03 -31.61
CA SER A 481 14.32 3.31 -32.06
C SER A 481 14.52 2.04 -31.26
N GLU A 482 14.27 2.14 -29.96
CA GLU A 482 14.50 1.04 -29.04
C GLU A 482 13.33 0.06 -29.13
N ILE A 483 12.12 0.61 -29.19
CA ILE A 483 10.92 -0.22 -29.27
C ILE A 483 10.02 0.29 -30.40
N PRO A 484 10.04 -0.40 -31.54
CA PRO A 484 9.36 0.18 -32.70
C PRO A 484 7.83 0.21 -32.56
N ALA A 485 7.17 0.99 -33.39
CA ALA A 485 5.74 1.24 -33.25
C ALA A 485 4.90 -0.03 -33.29
N THR A 486 5.37 -1.02 -34.05
CA THR A 486 4.61 -2.25 -34.22
C THR A 486 5.20 -3.40 -33.39
N ALA A 487 5.82 -3.08 -32.25
CA ALA A 487 6.59 -4.07 -31.52
C ALA A 487 5.68 -5.06 -30.82
N ALA A 488 6.15 -6.29 -30.69
CA ALA A 488 5.40 -7.34 -30.00
C ALA A 488 5.41 -7.17 -28.47
N ASP A 489 4.48 -7.83 -27.82
CA ASP A 489 4.36 -7.79 -26.35
C ASP A 489 5.69 -8.11 -25.70
N GLU A 490 6.37 -9.15 -26.21
CA GLU A 490 7.60 -9.63 -25.60
C GLU A 490 8.72 -8.61 -25.67
N LYS A 491 8.75 -7.82 -26.74
CA LYS A 491 9.74 -6.77 -26.86
C LYS A 491 9.56 -5.75 -25.75
N TRP A 492 8.32 -5.34 -25.52
CA TRP A 492 7.96 -4.50 -24.37
C TRP A 492 8.33 -5.13 -23.02
N VAL A 493 7.99 -6.39 -22.82
CA VAL A 493 8.22 -7.07 -21.54
C VAL A 493 9.70 -7.12 -21.21
N GLU A 494 10.54 -7.30 -22.24
CA GLU A 494 11.97 -7.28 -22.02
C GLU A 494 12.42 -5.92 -21.51
N TRP A 495 11.91 -4.84 -22.11
CA TRP A 495 12.32 -3.50 -21.71
C TRP A 495 11.77 -3.16 -20.32
N LEU A 496 10.53 -3.56 -20.06
CA LEU A 496 9.90 -3.24 -18.76
C LEU A 496 10.60 -3.97 -17.64
N LYS A 497 10.97 -5.22 -17.89
CA LYS A 497 11.73 -6.00 -16.92
C LYS A 497 13.07 -5.35 -16.61
N ALA A 498 13.66 -4.73 -17.62
CA ALA A 498 15.01 -4.19 -17.51
C ALA A 498 14.99 -2.85 -16.77
N ASN A 499 13.81 -2.27 -16.62
CA ASN A 499 13.67 -0.88 -16.20
C ASN A 499 12.71 -0.66 -15.03
N TYR A 500 12.06 -1.71 -14.54
CA TYR A 500 11.01 -1.52 -13.51
C TYR A 500 11.59 -1.20 -12.14
N ARG A 501 10.71 -0.68 -11.28
CA ARG A 501 10.97 -0.62 -9.85
C ARG A 501 9.76 -1.09 -9.07
N SER A 502 9.98 -1.47 -7.81
CA SER A 502 8.85 -1.68 -6.90
C SER A 502 7.98 -0.42 -6.90
N ASN A 503 6.67 -0.63 -6.91
CA ASN A 503 5.71 0.44 -6.61
C ASN A 503 5.53 0.69 -5.11
N PHE A 504 6.26 -0.05 -4.28
CA PHE A 504 6.22 0.16 -2.83
C PHE A 504 4.81 0.06 -2.28
N HIS A 505 4.06 -0.93 -2.74
CA HIS A 505 2.73 -1.24 -2.21
C HIS A 505 2.60 -2.68 -1.69
N PRO A 506 3.57 -3.15 -0.88
CA PRO A 506 3.41 -4.54 -0.42
C PRO A 506 2.26 -4.74 0.56
N VAL A 507 1.50 -5.82 0.36
CA VAL A 507 0.45 -6.24 1.28
C VAL A 507 0.45 -7.76 1.47
N GLY A 508 -0.26 -8.23 2.50
CA GLY A 508 -0.72 -9.61 2.54
C GLY A 508 0.09 -10.50 3.45
N THR A 509 1.10 -9.93 4.12
CA THR A 509 2.10 -10.72 4.82
C THR A 509 1.62 -11.15 6.22
N ALA A 510 0.50 -10.58 6.67
CA ALA A 510 -0.24 -11.13 7.80
C ALA A 510 -1.74 -11.10 7.49
N ALA A 511 -2.11 -11.76 6.39
CA ALA A 511 -3.38 -11.50 5.73
C ALA A 511 -4.58 -11.71 6.65
N MET A 512 -5.58 -10.84 6.49
CA MET A 512 -6.89 -11.08 7.09
C MET A 512 -7.71 -11.97 6.16
N MET A 513 -7.64 -13.28 6.40
CA MET A 513 -8.56 -14.24 5.80
C MET A 513 -8.87 -15.31 6.83
N PRO A 514 -9.90 -16.13 6.57
CA PRO A 514 -10.05 -17.29 7.41
C PRO A 514 -8.77 -18.09 7.59
N ARG A 515 -8.57 -18.57 8.82
CA ARG A 515 -7.39 -19.35 9.16
C ARG A 515 -7.27 -20.55 8.25
N SER A 516 -8.41 -21.11 7.85
CA SER A 516 -8.43 -22.34 7.05
C SER A 516 -7.91 -22.18 5.63
N ILE A 517 -7.91 -20.95 5.09
CA ILE A 517 -7.28 -20.73 3.79
CA ILE A 517 -7.35 -20.67 3.78
C ILE A 517 -5.99 -19.95 3.91
N GLY A 518 -5.42 -19.96 5.11
CA GLY A 518 -4.07 -19.48 5.31
C GLY A 518 -4.03 -18.07 5.86
N GLY A 519 -5.16 -17.61 6.40
CA GLY A 519 -5.21 -16.34 7.11
C GLY A 519 -4.31 -16.27 8.33
N VAL A 520 -3.77 -15.09 8.59
CA VAL A 520 -2.99 -14.85 9.79
C VAL A 520 -3.77 -14.10 10.86
N VAL A 521 -4.65 -13.18 10.47
CA VAL A 521 -5.51 -12.49 11.44
C VAL A 521 -7.00 -12.67 11.15
N ASP A 522 -7.82 -12.55 12.18
CA ASP A 522 -9.26 -12.68 12.01
C ASP A 522 -9.93 -11.36 11.62
N ASN A 523 -11.24 -11.37 11.47
CA ASN A 523 -11.94 -10.21 10.96
C ASN A 523 -11.94 -9.04 11.94
N ARG A 524 -11.39 -9.24 13.14
CA ARG A 524 -11.17 -8.14 14.09
C ARG A 524 -9.67 -7.88 14.27
N LEU A 525 -8.92 -8.32 13.25
CA LEU A 525 -7.48 -8.14 13.15
C LEU A 525 -6.66 -8.80 14.27
N ARG A 526 -7.25 -9.77 14.96
CA ARG A 526 -6.53 -10.53 15.99
C ARG A 526 -5.72 -11.64 15.35
N VAL A 527 -4.48 -11.81 15.82
CA VAL A 527 -3.66 -12.90 15.33
C VAL A 527 -4.22 -14.25 15.81
N TYR A 528 -4.44 -15.16 14.88
CA TYR A 528 -4.87 -16.51 15.21
C TYR A 528 -3.92 -17.16 16.23
N GLY A 529 -4.52 -17.81 17.24
CA GLY A 529 -3.76 -18.50 18.23
C GLY A 529 -3.36 -17.64 19.41
N THR A 530 -3.76 -16.36 19.40
CA THR A 530 -3.44 -15.42 20.47
C THR A 530 -4.72 -14.83 21.04
N SER A 531 -4.68 -14.43 22.30
CA SER A 531 -5.85 -13.78 22.89
C SER A 531 -5.89 -12.29 22.61
N ASN A 532 -4.73 -11.66 22.59
CA ASN A 532 -4.65 -10.20 22.73
C ASN A 532 -3.57 -9.54 21.87
N VAL A 533 -3.28 -10.13 20.73
CA VAL A 533 -2.32 -9.53 19.78
C VAL A 533 -3.05 -9.25 18.49
N ARG A 534 -2.88 -8.04 17.98
CA ARG A 534 -3.44 -7.68 16.69
C ARG A 534 -2.37 -7.18 15.73
N VAL A 535 -2.66 -7.27 14.44
CA VAL A 535 -1.86 -6.58 13.44
C VAL A 535 -2.74 -5.54 12.75
N VAL A 536 -2.27 -4.30 12.72
CA VAL A 536 -3.00 -3.22 12.05
C VAL A 536 -2.10 -2.36 11.19
N ASP A 537 -1.92 -2.81 9.95
CA ASP A 537 -1.14 -2.13 8.91
C ASP A 537 -1.32 -2.91 7.60
N ALA A 538 -0.60 -2.51 6.55
CA ALA A 538 -0.75 -3.09 5.20
C ALA A 538 -0.58 -4.60 5.12
N SER A 539 -0.04 -5.20 6.19
CA SER A 539 0.16 -6.63 6.24
C SER A 539 -1.16 -7.39 6.11
N VAL A 540 -2.25 -6.78 6.56
CA VAL A 540 -3.49 -7.52 6.70
C VAL A 540 -4.40 -7.44 5.49
N LEU A 541 -4.11 -6.54 4.55
CA LEU A 541 -4.89 -6.54 3.30
C LEU A 541 -4.68 -7.86 2.57
N PRO A 542 -5.78 -8.55 2.21
CA PRO A 542 -5.62 -9.90 1.68
C PRO A 542 -5.32 -9.87 0.20
N PHE A 543 -5.73 -8.78 -0.45
CA PHE A 543 -5.46 -8.54 -1.86
C PHE A 543 -4.99 -7.10 -1.99
N GLN A 544 -4.40 -6.81 -3.13
CA GLN A 544 -4.02 -5.46 -3.50
C GLN A 544 -5.28 -4.61 -3.71
N VAL A 545 -5.18 -3.30 -3.51
CA VAL A 545 -6.24 -2.38 -3.90
C VAL A 545 -5.83 -1.49 -5.04
N CYS A 546 -6.81 -0.83 -5.67
CA CYS A 546 -6.56 -0.16 -6.95
C CYS A 546 -5.80 1.15 -6.74
N GLY A 547 -6.03 1.80 -5.59
CA GLY A 547 -5.52 3.16 -5.35
C GLY A 547 -4.28 3.18 -4.48
N HIS A 548 -3.89 4.38 -4.05
CA HIS A 548 -2.73 4.59 -3.21
C HIS A 548 -3.03 4.22 -1.76
N LEU A 549 -2.10 3.53 -1.08
CA LEU A 549 -2.45 2.80 0.15
C LEU A 549 -2.88 3.62 1.36
N VAL A 550 -2.29 4.81 1.59
CA VAL A 550 -2.52 5.42 2.92
C VAL A 550 -4.01 5.65 3.23
N SER A 551 -4.80 6.04 2.24
CA SER A 551 -6.22 6.34 2.47
C SER A 551 -6.90 5.11 3.11
N THR A 552 -6.70 3.96 2.47
CA THR A 552 -7.28 2.70 2.91
C THR A 552 -6.67 2.23 4.22
N LEU A 553 -5.38 2.49 4.43
CA LEU A 553 -4.77 2.07 5.69
C LEU A 553 -5.25 2.92 6.87
N TYR A 554 -5.42 4.23 6.65
CA TYR A 554 -6.04 5.06 7.67
C TYR A 554 -7.46 4.58 8.01
N ALA A 555 -8.24 4.24 6.99
CA ALA A 555 -9.59 3.78 7.20
C ALA A 555 -9.62 2.46 7.98
N VAL A 556 -8.74 1.54 7.60
CA VAL A 556 -8.68 0.24 8.29
C VAL A 556 -8.29 0.43 9.74
N ALA A 557 -7.29 1.26 9.99
CA ALA A 557 -6.91 1.56 11.37
C ALA A 557 -7.98 2.28 12.18
N GLU A 558 -8.76 3.16 11.55
CA GLU A 558 -9.91 3.77 12.25
C GLU A 558 -10.94 2.72 12.65
N ARG A 559 -11.25 1.79 11.75
CA ARG A 559 -12.26 0.79 12.04
C ARG A 559 -11.76 -0.20 13.09
N ALA A 560 -10.51 -0.64 12.92
CA ALA A 560 -9.83 -1.48 13.90
C ALA A 560 -9.94 -0.89 15.30
N SER A 561 -9.72 0.42 15.39
CA SER A 561 -9.74 1.10 16.68
C SER A 561 -11.11 0.95 17.36
N ASP A 562 -12.19 1.13 16.61
CA ASP A 562 -13.51 0.91 17.17
C ASP A 562 -13.65 -0.54 17.65
N LEU A 563 -13.11 -1.49 16.92
CA LEU A 563 -13.30 -2.91 17.27
C LEU A 563 -12.57 -3.20 18.57
N ILE A 564 -11.39 -2.60 18.74
CA ILE A 564 -10.60 -2.80 19.93
C ILE A 564 -11.33 -2.26 21.15
N LYS A 565 -11.85 -1.04 21.02
CA LYS A 565 -12.64 -0.43 22.10
C LYS A 565 -13.85 -1.27 22.51
N GLU A 566 -14.60 -1.71 21.50
CA GLU A 566 -15.72 -2.62 21.68
C GLU A 566 -15.30 -3.87 22.46
N ASP A 567 -14.22 -4.50 22.05
CA ASP A 567 -13.79 -5.76 22.68
C ASP A 567 -13.38 -5.55 24.14
N ALA A 568 -12.97 -4.33 24.49
CA ALA A 568 -12.52 -4.00 25.84
C ALA A 568 -13.71 -3.80 26.79
N LYS A 569 -14.86 -3.46 26.23
CA LYS A 569 -16.04 -3.20 27.04
C LYS A 569 -16.61 -4.49 27.62
N SER A 570 -15.84 -5.58 27.51
CA SER A 570 -16.03 -6.75 28.36
C SER A 570 -14.78 -7.07 29.17
N ALA A 571 -13.68 -7.36 28.47
CA ALA A 571 -12.50 -7.97 29.10
C ALA A 571 -11.60 -6.90 29.71
PA FDA B . 4.57 2.30 7.76
O1A FDA B . 5.83 1.94 7.03
O2A FDA B . 3.95 3.67 7.50
O5B FDA B . 4.76 2.26 9.36
C5B FDA B . 5.59 1.30 10.00
C4B FDA B . 6.33 1.99 11.14
O4B FDA B . 6.95 0.97 11.92
C3B FDA B . 7.42 2.93 10.64
O3B FDA B . 7.35 4.19 11.33
C2B FDA B . 8.68 2.15 10.97
O2B FDA B . 9.82 2.98 11.22
C1B FDA B . 8.27 1.42 12.22
N9A FDA B . 9.06 0.24 12.54
C8A FDA B . 9.31 -0.78 11.70
N7A FDA B . 9.97 -1.76 12.34
C5A FDA B . 9.92 -1.47 13.66
C6A FDA B . 10.41 -2.11 14.88
N6A FDA B . 10.86 -3.38 14.83
N1A FDA B . 10.24 -1.43 16.05
C2A FDA B . 9.69 -0.19 16.10
N3A FDA B . 9.26 0.47 15.00
C4A FDA B . 9.33 -0.14 13.79
N1 FDA B . 0.76 5.75 -0.63
C2 FDA B . -0.08 6.75 -0.89
O2 FDA B . -1.24 6.69 -0.40
N3 FDA B . 0.22 7.75 -1.72
C4 FDA B . 1.40 7.83 -2.38
O4 FDA B . 1.64 8.74 -3.21
C4X FDA B . 2.39 6.77 -2.14
N5 FDA B . 3.62 6.79 -2.69
C5X FDA B . 4.60 6.07 -2.13
C6 FDA B . 5.93 6.34 -2.44
C7 FDA B . 6.96 5.63 -1.83
C7M FDA B . 8.38 6.02 -2.09
C8 FDA B . 6.63 4.59 -0.80
C8M FDA B . 7.72 3.83 -0.10
C9 FDA B . 5.30 4.29 -0.52
C9A FDA B . 4.28 5.00 -1.15
N10 FDA B . 2.92 4.77 -0.78
C10 FDA B . 1.99 5.74 -1.15
C1' FDA B . 2.51 3.66 0.07
C2' FDA B . 2.18 4.10 1.49
O2' FDA B . 2.94 5.27 1.87
C3' FDA B . 2.48 2.97 2.46
O3' FDA B . 1.84 1.79 1.99
C4' FDA B . 1.96 3.24 3.86
O4' FDA B . 2.53 4.45 4.33
C5' FDA B . 2.30 2.07 4.79
O5' FDA B . 1.69 2.25 6.08
P FDA B . 1.90 1.14 7.19
O1P FDA B . 1.20 1.61 8.45
O2P FDA B . 1.57 -0.22 6.68
O3P FDA B . 3.51 1.11 7.48
#